data_9L7B
#
_entry.id   9L7B
#
_cell.length_a   174.740
_cell.length_b   174.740
_cell.length_c   59.630
_cell.angle_alpha   90.00
_cell.angle_beta   90.00
_cell.angle_gamma   120.00
#
_symmetry.space_group_name_H-M   'H 3'
#
loop_
_entity.id
_entity.type
_entity.pdbx_description
1 polymer 'ORF1ab polyprotein'
2 polymer 'Replicase polyprotein 1ab'
3 water water
#
loop_
_entity_poly.entity_id
_entity_poly.type
_entity_poly.pdbx_seq_one_letter_code
_entity_poly.pdbx_strand_id
1 'polypeptide(L)'
;MAGLRKMAQPSGVVEKCIVRVCYGNMALNGLWLGDTVMCPRHVIASSTTSTIDYDYALSVLRLHNFSISSGNVFLGVVGV
TMRGALLQIKVNQNNVHTPKYTYRTVRPGESFNILACYDGAAAGVYGVNMRSNYTIRGSFINGAAGSPGYNINNGTVEFC
YLHQLELGSGCHVGSDLDGVMYGGYEDQPTLQVEGASSLFTENVLAFLYAALINGSTWWLSSSRIAVDRFNEWAVHNGMT
TVVNTDCFSIFAAKTGVDVQRLLASIQSLHKNFGGKQILGYTSLTDEFTTGEVIRQMYGVLEHHHHHHHH
;
A,B
2 'polypeptide(L)' KLSDLQ D,C
#
# COMPACT_ATOMS: atom_id res chain seq x y z
N ALA A 2 -7.98 -12.76 2.82
CA ALA A 2 -7.33 -14.03 2.51
C ALA A 2 -6.93 -14.06 1.04
N GLY A 3 -7.07 -12.91 0.39
CA GLY A 3 -6.45 -12.74 -0.91
C GLY A 3 -5.01 -12.29 -0.74
N LEU A 4 -4.56 -11.42 -1.64
CA LEU A 4 -3.18 -10.97 -1.68
C LEU A 4 -3.18 -9.50 -2.08
N ARG A 5 -2.72 -8.64 -1.17
CA ARG A 5 -2.56 -7.22 -1.42
C ARG A 5 -1.10 -6.84 -1.21
N LYS A 6 -0.51 -6.09 -2.15
CA LYS A 6 0.74 -5.44 -1.80
C LYS A 6 0.46 -4.48 -0.67
N MET A 7 1.29 -4.54 0.37
CA MET A 7 1.00 -3.87 1.63
C MET A 7 2.23 -3.09 2.06
N ALA A 8 2.03 -2.02 2.82
CA ALA A 8 3.12 -1.34 3.49
C ALA A 8 3.12 -1.67 4.98
N GLN A 9 4.32 -1.82 5.55
CA GLN A 9 4.45 -1.83 6.99
C GLN A 9 4.08 -0.46 7.55
N PRO A 10 3.52 -0.40 8.75
CA PRO A 10 3.02 0.89 9.25
C PRO A 10 4.14 1.93 9.34
N SER A 11 3.77 3.18 9.12
CA SER A 11 4.75 4.22 8.85
C SER A 11 4.98 5.20 10.00
N GLY A 12 4.38 4.97 11.16
CA GLY A 12 4.45 5.97 12.23
C GLY A 12 5.86 6.25 12.74
N VAL A 13 6.72 5.23 12.80
CA VAL A 13 8.04 5.44 13.38
C VAL A 13 8.95 6.16 12.39
N VAL A 14 8.43 6.53 11.20
CA VAL A 14 9.25 7.22 10.21
C VAL A 14 8.69 8.60 9.88
N GLU A 15 7.37 8.79 10.04
CA GLU A 15 6.70 10.02 9.61
C GLU A 15 7.30 11.27 10.25
N LYS A 16 7.70 11.19 11.51
CA LYS A 16 8.22 12.37 12.17
C LYS A 16 9.70 12.62 11.86
N CYS A 17 10.33 11.86 10.96
CA CYS A 17 11.72 12.13 10.59
C CYS A 17 11.85 12.84 9.25
N ILE A 18 10.77 13.28 8.65
CA ILE A 18 10.80 13.98 7.36
C ILE A 18 10.92 15.47 7.60
N VAL A 19 11.74 16.14 6.79
CA VAL A 19 11.86 17.59 6.83
C VAL A 19 11.86 18.09 5.39
N ARG A 20 11.53 19.37 5.22
CA ARG A 20 11.68 20.08 3.95
C ARG A 20 13.08 20.69 3.87
N VAL A 21 13.75 20.49 2.74
CA VAL A 21 15.09 21.03 2.50
C VAL A 21 15.02 21.93 1.29
N CYS A 22 15.25 23.22 1.49
CA CYS A 22 15.27 24.20 0.43
C CYS A 22 16.66 24.81 0.30
N TYR A 23 17.07 25.05 -0.95
CA TYR A 23 18.35 25.69 -1.26
C TYR A 23 18.14 26.56 -2.49
N GLY A 24 18.15 27.88 -2.31
CA GLY A 24 17.78 28.75 -3.40
C GLY A 24 16.47 28.34 -4.06
N ASN A 25 16.53 28.09 -5.37
CA ASN A 25 15.35 27.79 -6.17
C ASN A 25 14.82 26.38 -5.98
N MET A 26 15.58 25.48 -5.37
CA MET A 26 15.20 24.07 -5.31
C MET A 26 14.63 23.67 -3.95
N ALA A 27 13.74 22.68 -3.97
CA ALA A 27 13.17 22.15 -2.73
C ALA A 27 12.89 20.67 -2.87
N LEU A 28 13.23 19.91 -1.84
CA LEU A 28 12.90 18.49 -1.81
C LEU A 28 12.83 18.06 -0.35
N ASN A 29 12.79 16.75 -0.11
CA ASN A 29 12.63 16.23 1.25
C ASN A 29 13.94 15.71 1.83
N GLY A 30 13.97 15.67 3.15
CA GLY A 30 15.14 15.26 3.88
C GLY A 30 14.76 14.30 4.98
N LEU A 31 15.75 13.54 5.42
CA LEU A 31 15.55 12.56 6.48
C LEU A 31 16.38 13.03 7.67
N TRP A 32 15.69 13.34 8.77
CA TRP A 32 16.28 13.95 9.96
C TRP A 32 16.45 12.91 11.05
N LEU A 33 17.69 12.53 11.31
CA LEU A 33 18.01 11.54 12.34
C LEU A 33 19.12 12.11 13.21
N GLY A 34 18.93 12.05 14.52
CA GLY A 34 19.85 12.73 15.42
C GLY A 34 19.93 14.18 15.02
N ASP A 35 21.15 14.69 14.84
CA ASP A 35 21.31 16.09 14.48
C ASP A 35 21.78 16.28 13.03
N THR A 36 21.39 15.36 12.16
CA THR A 36 21.79 15.39 10.75
C THR A 36 20.59 15.17 9.81
N VAL A 37 20.50 15.97 8.75
CA VAL A 37 19.49 15.83 7.70
C VAL A 37 20.18 15.27 6.45
N MET A 38 19.73 14.11 5.97
CA MET A 38 20.26 13.46 4.77
C MET A 38 19.34 13.79 3.58
N CYS A 39 19.91 14.21 2.46
CA CYS A 39 19.04 14.58 1.35
C CYS A 39 19.83 14.49 0.07
N PRO A 40 19.15 14.31 -1.07
CA PRO A 40 19.86 14.19 -2.36
C PRO A 40 20.68 15.43 -2.65
N ARG A 41 21.95 15.22 -2.99
CA ARG A 41 22.83 16.34 -3.26
C ARG A 41 22.36 17.23 -4.41
N HIS A 42 21.44 16.78 -5.28
CA HIS A 42 21.13 17.70 -6.39
C HIS A 42 20.25 18.87 -5.98
N VAL A 43 19.87 19.00 -4.70
CA VAL A 43 19.21 20.22 -4.21
C VAL A 43 20.08 21.48 -4.39
N ILE A 44 21.41 21.31 -4.52
CA ILE A 44 22.32 22.44 -4.54
C ILE A 44 22.78 22.80 -5.94
N ALA A 45 22.22 22.17 -6.98
CA ALA A 45 22.63 22.47 -8.34
C ALA A 45 21.45 22.30 -9.29
N SER A 46 21.40 23.15 -10.30
CA SER A 46 20.32 23.20 -11.27
C SER A 46 20.84 22.81 -12.64
N SER A 47 20.12 21.92 -13.34
CA SER A 47 20.53 21.52 -14.68
C SER A 47 19.39 20.84 -15.43
N THR A 48 19.09 21.35 -16.61
CA THR A 48 18.04 20.79 -17.46
C THR A 48 18.58 19.67 -18.35
N THR A 49 19.73 19.90 -18.98
CA THR A 49 20.27 18.99 -19.97
C THR A 49 21.72 18.62 -19.71
N SER A 50 22.45 19.54 -19.10
CA SER A 50 23.89 19.36 -18.95
C SER A 50 24.20 18.50 -17.73
N THR A 51 25.35 17.84 -17.77
CA THR A 51 25.78 17.19 -16.56
C THR A 51 26.10 18.24 -15.50
N ILE A 52 26.34 17.75 -14.29
CA ILE A 52 26.53 18.60 -13.11
C ILE A 52 27.88 18.24 -12.52
N ASP A 53 28.64 19.24 -12.15
CA ASP A 53 29.94 19.08 -11.51
C ASP A 53 29.70 19.28 -10.02
N TYR A 54 29.51 18.16 -9.30
CA TYR A 54 29.03 18.25 -7.92
C TYR A 54 30.13 18.69 -6.95
N ASP A 55 31.38 18.31 -7.20
CA ASP A 55 32.46 18.84 -6.37
C ASP A 55 32.58 20.34 -6.52
N TYR A 56 32.27 20.87 -7.70
CA TYR A 56 32.30 22.32 -7.82
C TYR A 56 31.10 22.98 -7.13
N ALA A 57 29.90 22.41 -7.28
CA ALA A 57 28.72 23.03 -6.67
C ALA A 57 28.77 22.98 -5.15
N LEU A 58 29.39 21.97 -4.57
CA LEU A 58 29.57 21.94 -3.12
C LEU A 58 30.53 23.03 -2.66
N SER A 59 31.54 23.37 -3.48
CA SER A 59 32.53 24.36 -3.07
C SER A 59 31.93 25.77 -3.02
N VAL A 60 31.02 26.09 -3.94
CA VAL A 60 30.39 27.41 -3.97
C VAL A 60 29.12 27.42 -3.13
N LEU A 61 28.94 26.38 -2.33
CA LEU A 61 27.78 26.29 -1.46
C LEU A 61 27.85 27.37 -0.40
N ARG A 62 26.69 27.86 0.02
CA ARG A 62 26.64 28.80 1.15
C ARG A 62 25.58 28.32 2.13
N LEU A 63 26.00 28.11 3.38
CA LEU A 63 25.11 27.56 4.40
C LEU A 63 23.87 28.42 4.57
N HIS A 64 24.03 29.74 4.56
CA HIS A 64 22.87 30.62 4.79
C HIS A 64 21.91 30.65 3.62
N ASN A 65 22.16 29.89 2.55
CA ASN A 65 21.18 29.70 1.49
C ASN A 65 20.22 28.56 1.78
N PHE A 66 20.55 27.66 2.70
CA PHE A 66 19.63 26.59 3.04
C PHE A 66 18.47 27.14 3.87
N SER A 67 17.34 26.49 3.74
CA SER A 67 16.20 26.74 4.62
C SER A 67 15.56 25.38 4.85
N ILE A 68 15.61 24.90 6.09
CA ILE A 68 15.20 23.55 6.46
C ILE A 68 14.14 23.65 7.53
N SER A 69 13.10 22.83 7.43
CA SER A 69 11.98 22.93 8.35
C SER A 69 11.37 21.56 8.60
N SER A 70 10.89 21.40 9.82
CA SER A 70 10.18 20.21 10.29
C SER A 70 8.79 20.70 10.64
N GLY A 71 7.81 20.35 9.81
CA GLY A 71 6.53 21.04 9.88
C GLY A 71 6.77 22.53 9.66
N ASN A 72 6.31 23.37 10.59
CA ASN A 72 6.51 24.81 10.38
C ASN A 72 7.60 25.38 11.28
N VAL A 73 8.49 24.53 11.80
CA VAL A 73 9.56 24.92 12.72
C VAL A 73 10.88 24.86 11.94
N PHE A 74 11.62 25.97 11.94
CA PHE A 74 12.88 26.04 11.21
C PHE A 74 14.02 25.50 12.05
N LEU A 75 14.87 24.70 11.41
CA LEU A 75 16.10 24.18 12.00
C LEU A 75 17.30 24.99 11.53
N GLY A 76 18.29 25.14 12.40
CA GLY A 76 19.51 25.85 12.05
C GLY A 76 20.55 24.94 11.40
N VAL A 77 21.00 25.33 10.22
CA VAL A 77 22.06 24.61 9.53
C VAL A 77 23.40 25.02 10.13
N VAL A 78 24.17 24.01 10.57
CA VAL A 78 25.51 24.18 11.14
C VAL A 78 26.60 23.80 10.15
N GLY A 79 26.36 22.82 9.29
CA GLY A 79 27.40 22.39 8.37
C GLY A 79 26.89 21.34 7.39
N VAL A 80 27.72 21.08 6.37
CA VAL A 80 27.36 20.16 5.32
C VAL A 80 28.61 19.47 4.78
N THR A 81 28.56 18.14 4.69
CA THR A 81 29.49 17.37 3.88
C THR A 81 28.70 16.54 2.87
N MET A 82 29.38 16.14 1.80
CA MET A 82 28.82 15.35 0.73
C MET A 82 29.30 13.92 0.85
N ARG A 83 28.38 12.98 0.75
CA ARG A 83 28.70 11.56 0.83
C ARG A 83 27.99 10.86 -0.32
N GLY A 84 28.74 10.50 -1.36
CA GLY A 84 28.11 9.85 -2.50
C GLY A 84 27.15 10.81 -3.16
N ALA A 85 25.92 10.35 -3.44
CA ALA A 85 24.93 11.26 -4.01
C ALA A 85 24.06 11.90 -2.93
N LEU A 86 24.55 12.00 -1.70
CA LEU A 86 23.79 12.61 -0.60
C LEU A 86 24.55 13.77 0.02
N LEU A 87 23.79 14.69 0.60
CA LEU A 87 24.33 15.69 1.50
C LEU A 87 24.08 15.25 2.93
N GLN A 88 25.10 15.38 3.79
CA GLN A 88 24.93 15.25 5.23
C GLN A 88 24.93 16.66 5.81
N ILE A 89 23.78 17.11 6.28
CA ILE A 89 23.61 18.47 6.78
C ILE A 89 23.48 18.39 8.29
N LYS A 90 24.47 18.95 8.99
CA LYS A 90 24.39 19.04 10.45
C LYS A 90 23.47 20.19 10.82
N VAL A 91 22.50 19.94 11.72
CA VAL A 91 21.61 20.99 12.20
C VAL A 91 21.82 21.19 13.70
N ASN A 92 21.17 22.22 14.25
CA ASN A 92 21.47 22.70 15.61
C ASN A 92 20.65 22.01 16.69
N GLN A 93 20.07 20.86 16.42
CA GLN A 93 19.29 20.19 17.44
C GLN A 93 19.05 18.75 17.02
N ASN A 94 18.80 17.91 18.01
CA ASN A 94 18.45 16.52 17.74
C ASN A 94 16.97 16.39 17.43
N ASN A 95 16.66 15.44 16.54
CA ASN A 95 15.30 14.97 16.37
C ASN A 95 14.95 14.06 17.54
N VAL A 96 14.08 14.52 18.44
CA VAL A 96 13.71 13.70 19.60
C VAL A 96 12.81 12.55 19.22
N HIS A 97 12.37 12.48 17.97
CA HIS A 97 11.61 11.30 17.54
C HIS A 97 12.46 10.33 16.75
N THR A 98 13.79 10.47 16.81
CA THR A 98 14.66 9.52 16.12
C THR A 98 14.38 8.10 16.62
N PRO A 99 13.97 7.17 15.74
CA PRO A 99 13.74 5.78 16.16
C PRO A 99 15.02 5.02 16.42
N LYS A 100 14.87 3.78 16.86
CA LYS A 100 15.95 2.80 16.83
C LYS A 100 16.12 2.32 15.40
N TYR A 101 17.24 2.68 14.75
CA TYR A 101 17.38 2.43 13.32
C TYR A 101 18.78 1.95 12.98
N THR A 102 18.92 1.35 11.78
CA THR A 102 20.21 1.05 11.15
C THR A 102 20.11 1.43 9.68
N TYR A 103 21.23 1.28 8.95
CA TYR A 103 21.26 1.39 7.50
C TYR A 103 21.53 0.01 6.90
N ARG A 104 20.78 -0.33 5.83
CA ARG A 104 21.08 -1.53 5.03
C ARG A 104 20.85 -1.25 3.56
N THR A 105 21.66 -1.87 2.73
CA THR A 105 21.53 -1.79 1.27
C THR A 105 20.75 -3.02 0.79
N VAL A 106 19.65 -2.79 0.02
CA VAL A 106 18.82 -3.90 -0.43
C VAL A 106 19.49 -4.64 -1.59
N ARG A 107 19.25 -5.97 -1.65
CA ARG A 107 19.62 -6.78 -2.79
C ARG A 107 18.42 -6.91 -3.73
N PRO A 108 18.65 -7.29 -4.98
CA PRO A 108 17.51 -7.50 -5.88
C PRO A 108 16.61 -8.58 -5.33
N GLY A 109 15.31 -8.36 -5.42
CA GLY A 109 14.33 -9.27 -4.90
C GLY A 109 13.76 -8.90 -3.55
N GLU A 110 14.48 -8.10 -2.77
CA GLU A 110 13.99 -7.75 -1.44
C GLU A 110 12.87 -6.71 -1.54
N SER A 111 11.88 -6.86 -0.70
CA SER A 111 10.78 -5.91 -0.62
C SER A 111 11.07 -4.82 0.41
N PHE A 112 10.50 -3.64 0.20
CA PHE A 112 10.59 -2.60 1.21
C PHE A 112 9.50 -1.56 0.97
N ASN A 113 9.43 -0.58 1.87
CA ASN A 113 8.34 0.38 1.90
C ASN A 113 8.85 1.75 1.52
N ILE A 114 7.98 2.49 0.85
CA ILE A 114 8.29 3.83 0.41
C ILE A 114 7.32 4.78 1.10
N LEU A 115 7.87 5.76 1.81
CA LEU A 115 7.09 6.83 2.42
C LEU A 115 7.20 7.99 1.45
N ALA A 116 6.14 8.18 0.66
CA ALA A 116 6.14 9.16 -0.40
C ALA A 116 5.89 10.53 0.20
N CYS A 117 6.80 11.47 -0.06
CA CYS A 117 6.85 12.75 0.62
C CYS A 117 6.87 13.88 -0.40
N TYR A 118 6.34 15.00 0.03
CA TYR A 118 6.22 16.15 -0.86
C TYR A 118 6.26 17.36 0.06
N ASP A 119 7.17 18.30 -0.21
CA ASP A 119 7.33 19.51 0.59
C ASP A 119 7.59 19.20 2.06
N GLY A 120 8.41 18.18 2.31
CA GLY A 120 8.77 17.82 3.66
C GLY A 120 7.69 17.12 4.47
N ALA A 121 6.60 16.67 3.88
CA ALA A 121 5.60 15.95 4.66
C ALA A 121 5.27 14.60 4.00
N ALA A 122 5.08 13.59 4.84
CA ALA A 122 4.64 12.30 4.35
C ALA A 122 3.22 12.42 3.80
N ALA A 123 3.03 12.00 2.55
CA ALA A 123 1.71 11.97 1.90
C ALA A 123 1.16 10.57 1.69
N GLY A 124 2.00 9.59 1.34
CA GLY A 124 1.51 8.26 1.07
C GLY A 124 2.54 7.22 1.43
N VAL A 125 2.09 5.97 1.49
CA VAL A 125 3.00 4.89 1.80
C VAL A 125 2.54 3.65 1.04
N TYR A 126 3.51 2.91 0.51
CA TYR A 126 3.20 1.74 -0.30
C TYR A 126 4.45 0.88 -0.38
N GLY A 127 4.23 -0.40 -0.71
CA GLY A 127 5.33 -1.37 -0.80
C GLY A 127 5.92 -1.46 -2.20
N VAL A 128 7.23 -1.68 -2.26
CA VAL A 128 7.92 -1.85 -3.53
C VAL A 128 8.81 -3.08 -3.43
N ASN A 129 9.46 -3.40 -4.56
CA ASN A 129 10.41 -4.50 -4.63
C ASN A 129 11.58 -4.09 -5.53
N MET A 130 12.80 -4.33 -5.05
CA MET A 130 14.00 -3.96 -5.79
C MET A 130 14.11 -4.87 -7.01
N ARG A 131 14.09 -4.29 -8.20
CA ARG A 131 14.25 -5.12 -9.38
C ARG A 131 15.72 -5.47 -9.59
N SER A 132 15.94 -6.44 -10.49
CA SER A 132 17.29 -6.92 -10.76
C SER A 132 18.13 -5.86 -11.48
N ASN A 133 17.48 -4.94 -12.18
CA ASN A 133 18.21 -3.80 -12.75
C ASN A 133 18.36 -2.63 -11.75
N TYR A 134 17.99 -2.82 -10.47
CA TYR A 134 18.18 -1.82 -9.42
C TYR A 134 17.29 -0.59 -9.61
N THR A 135 16.13 -0.78 -10.21
CA THR A 135 15.11 0.25 -10.21
C THR A 135 13.92 -0.27 -9.43
N ILE A 136 12.98 0.61 -9.13
CA ILE A 136 11.73 0.21 -8.51
C ILE A 136 10.62 0.80 -9.34
N ARG A 137 9.43 0.21 -9.17
CA ARG A 137 8.23 0.65 -9.88
C ARG A 137 7.42 1.47 -8.89
N GLY A 138 7.67 2.78 -8.87
CA GLY A 138 7.07 3.65 -7.89
C GLY A 138 6.07 4.61 -8.49
N SER A 139 5.67 5.56 -7.65
CA SER A 139 4.76 6.63 -8.05
C SER A 139 5.34 7.85 -7.35
N PHE A 140 6.19 8.56 -8.08
CA PHE A 140 6.85 9.78 -7.64
C PHE A 140 6.70 10.81 -8.73
N ILE A 141 6.45 12.07 -8.32
CA ILE A 141 6.56 13.19 -9.24
C ILE A 141 7.62 14.16 -8.74
N ASN A 142 7.84 15.22 -9.52
CA ASN A 142 8.84 16.22 -9.18
C ASN A 142 8.58 16.77 -7.79
N GLY A 143 9.64 16.87 -6.98
CA GLY A 143 9.52 17.26 -5.60
C GLY A 143 9.43 16.12 -4.63
N ALA A 144 9.50 14.87 -5.09
CA ALA A 144 9.46 13.73 -4.22
C ALA A 144 10.84 13.18 -3.86
N ALA A 145 11.91 13.69 -4.50
CA ALA A 145 13.26 13.23 -4.16
C ALA A 145 13.49 13.38 -2.66
N GLY A 146 14.28 12.47 -2.10
CA GLY A 146 14.47 12.42 -0.66
C GLY A 146 13.40 11.63 0.07
N SER A 147 12.33 11.19 -0.62
CA SER A 147 11.39 10.25 -0.02
C SER A 147 12.14 9.00 0.42
N PRO A 148 11.96 8.52 1.64
CA PRO A 148 12.80 7.39 2.08
C PRO A 148 12.14 6.05 1.89
N GLY A 149 12.94 5.01 1.84
CA GLY A 149 12.47 3.65 1.90
C GLY A 149 12.99 2.97 3.15
N TYR A 150 12.16 2.12 3.75
CA TYR A 150 12.51 1.49 5.01
C TYR A 150 11.94 0.09 5.03
N ASN A 151 12.57 -0.75 5.84
CA ASN A 151 12.00 -1.98 6.34
C ASN A 151 11.99 -1.91 7.87
N ILE A 152 10.94 -2.42 8.50
CA ILE A 152 10.95 -2.59 9.95
C ILE A 152 11.28 -4.06 10.23
N ASN A 153 12.43 -4.30 10.85
CA ASN A 153 12.87 -5.65 11.18
C ASN A 153 12.94 -5.76 12.70
N ASN A 154 11.89 -6.32 13.30
CA ASN A 154 11.95 -6.77 14.70
C ASN A 154 12.21 -5.59 15.64
N GLY A 155 11.41 -4.53 15.47
CA GLY A 155 11.52 -3.33 16.29
C GLY A 155 12.48 -2.26 15.78
N THR A 156 13.34 -2.59 14.83
CA THR A 156 14.37 -1.68 14.32
C THR A 156 14.03 -1.26 12.89
N VAL A 157 14.07 0.05 12.64
CA VAL A 157 13.86 0.60 11.30
C VAL A 157 15.16 0.48 10.52
N GLU A 158 15.14 -0.25 9.40
CA GLU A 158 16.29 -0.27 8.50
C GLU A 158 15.98 0.69 7.35
N PHE A 159 16.76 1.75 7.23
CA PHE A 159 16.59 2.68 6.12
C PHE A 159 17.45 2.19 4.96
N CYS A 160 16.84 2.01 3.79
CA CYS A 160 17.57 1.40 2.69
C CYS A 160 17.52 2.20 1.41
N TYR A 161 16.79 3.32 1.37
CA TYR A 161 16.55 3.97 0.08
C TYR A 161 16.28 5.44 0.34
N LEU A 162 16.89 6.29 -0.48
CA LEU A 162 16.50 7.68 -0.56
C LEU A 162 16.30 8.01 -2.04
N HIS A 163 15.11 8.47 -2.37
CA HIS A 163 14.74 8.65 -3.77
C HIS A 163 15.55 9.74 -4.45
N GLN A 164 16.01 9.45 -5.68
CA GLN A 164 16.85 10.38 -6.43
C GLN A 164 16.18 10.82 -7.74
N LEU A 165 15.78 9.91 -8.63
CA LEU A 165 15.40 10.38 -9.96
C LEU A 165 14.47 9.39 -10.64
N GLU A 166 13.83 9.85 -11.70
CA GLU A 166 13.03 9.03 -12.57
C GLU A 166 13.80 8.84 -13.87
N LEU A 167 14.11 7.59 -14.22
CA LEU A 167 14.75 7.36 -15.51
C LEU A 167 13.79 7.72 -16.64
N GLY A 168 14.36 8.01 -17.83
CA GLY A 168 13.55 8.38 -18.97
C GLY A 168 12.39 7.43 -19.22
N SER A 169 12.57 6.17 -18.89
CA SER A 169 11.56 5.14 -19.12
C SER A 169 10.44 5.12 -18.08
N GLY A 170 10.49 5.93 -17.01
CA GLY A 170 9.46 5.90 -15.97
C GLY A 170 9.84 5.18 -14.68
N CYS A 171 10.90 4.38 -14.69
CA CYS A 171 11.35 3.64 -13.50
C CYS A 171 12.12 4.54 -12.55
N HIS A 172 12.12 4.19 -11.28
CA HIS A 172 12.58 5.10 -10.23
C HIS A 172 13.87 4.60 -9.58
N VAL A 173 14.76 5.53 -9.34
CA VAL A 173 16.10 5.22 -8.89
C VAL A 173 16.39 6.02 -7.63
N GLY A 174 17.02 5.36 -6.65
CA GLY A 174 17.42 6.01 -5.42
C GLY A 174 18.83 5.62 -5.06
N SER A 175 19.30 6.15 -3.94
CA SER A 175 20.57 5.74 -3.35
C SER A 175 20.30 5.06 -2.02
N ASP A 176 21.29 4.32 -1.49
CA ASP A 176 21.16 3.97 -0.08
C ASP A 176 21.63 5.14 0.76
N LEU A 177 21.60 4.96 2.08
CA LEU A 177 21.85 6.08 2.98
C LEU A 177 23.33 6.32 3.22
N ASP A 178 24.19 5.44 2.70
CA ASP A 178 25.59 5.78 2.55
C ASP A 178 25.91 6.58 1.29
N GLY A 179 24.90 6.95 0.48
CA GLY A 179 25.14 7.72 -0.72
C GLY A 179 25.44 6.94 -2.00
N VAL A 180 25.45 5.61 -1.94
CA VAL A 180 25.71 4.81 -3.14
C VAL A 180 24.45 4.71 -3.99
N MET A 181 24.52 5.20 -5.22
CA MET A 181 23.43 5.04 -6.16
C MET A 181 23.19 3.56 -6.41
N TYR A 182 21.94 3.14 -6.37
CA TYR A 182 21.64 1.77 -6.73
C TYR A 182 21.90 1.57 -8.22
N GLY A 183 22.50 0.42 -8.56
CA GLY A 183 22.78 0.09 -9.95
C GLY A 183 23.89 0.89 -10.60
N GLY A 184 24.59 1.72 -9.85
CA GLY A 184 25.57 2.58 -10.50
C GLY A 184 25.00 3.67 -11.38
N TYR A 185 23.68 3.93 -11.32
CA TYR A 185 23.16 5.02 -12.10
C TYR A 185 23.71 6.34 -11.56
N GLU A 186 23.64 7.37 -12.39
CA GLU A 186 24.17 8.67 -12.03
C GLU A 186 23.05 9.68 -11.84
N ASP A 187 23.21 10.56 -10.84
CA ASP A 187 22.19 11.55 -10.51
C ASP A 187 22.35 12.74 -11.46
N GLN A 188 22.04 12.49 -12.72
CA GLN A 188 22.24 13.42 -13.81
C GLN A 188 21.00 13.39 -14.71
N PRO A 189 20.68 14.50 -15.36
CA PRO A 189 19.55 14.50 -16.30
C PRO A 189 19.87 13.86 -17.65
N THR A 190 21.04 13.25 -17.80
CA THR A 190 21.45 12.66 -19.07
C THR A 190 20.62 11.41 -19.37
N LEU A 191 20.71 10.96 -20.63
CA LEU A 191 20.02 9.74 -21.04
C LEU A 191 20.59 8.54 -20.31
N GLN A 192 19.72 7.76 -19.72
CA GLN A 192 20.15 6.56 -19.01
C GLN A 192 19.09 5.51 -19.25
N VAL A 193 19.47 4.40 -19.87
CA VAL A 193 18.54 3.30 -20.11
C VAL A 193 18.91 2.17 -19.17
N GLU A 194 17.92 1.68 -18.45
CA GLU A 194 18.17 0.63 -17.46
C GLU A 194 18.31 -0.73 -18.15
N GLY A 195 19.22 -1.53 -17.65
CA GLY A 195 19.41 -2.87 -18.17
C GLY A 195 18.14 -3.70 -18.08
N ALA A 196 18.21 -4.88 -18.69
CA ALA A 196 17.07 -5.77 -18.69
C ALA A 196 16.77 -6.24 -17.27
N SER A 197 15.50 -6.37 -16.94
CA SER A 197 15.08 -6.83 -15.63
C SER A 197 14.65 -8.28 -15.75
N SER A 198 15.41 -9.18 -15.10
CA SER A 198 15.00 -10.57 -14.92
C SER A 198 14.11 -10.73 -13.69
N LEU A 199 13.05 -11.51 -13.84
CA LEU A 199 12.19 -11.87 -12.71
C LEU A 199 12.97 -12.62 -11.64
N PHE A 200 12.72 -12.29 -10.39
CA PHE A 200 13.41 -12.93 -9.27
C PHE A 200 12.64 -14.19 -8.89
N THR A 201 13.25 -15.35 -9.16
CA THR A 201 12.48 -16.58 -9.28
C THR A 201 11.86 -17.01 -7.95
N GLU A 202 12.60 -16.83 -6.85
CA GLU A 202 12.09 -17.19 -5.52
C GLU A 202 10.82 -16.43 -5.16
N ASN A 203 10.67 -15.20 -5.65
CA ASN A 203 9.42 -14.49 -5.43
C ASN A 203 8.31 -14.99 -6.35
N VAL A 204 8.66 -15.33 -7.60
CA VAL A 204 7.69 -15.99 -8.48
C VAL A 204 7.21 -17.30 -7.84
N LEU A 205 8.14 -18.08 -7.27
CA LEU A 205 7.75 -19.28 -6.54
C LEU A 205 6.79 -18.95 -5.40
N ALA A 206 7.11 -17.93 -4.59
CA ALA A 206 6.20 -17.52 -3.52
C ALA A 206 4.85 -17.12 -4.09
N PHE A 207 4.84 -16.46 -5.23
CA PHE A 207 3.59 -16.07 -5.88
C PHE A 207 2.78 -17.29 -6.28
N LEU A 208 3.41 -18.22 -7.03
CA LEU A 208 2.70 -19.41 -7.48
C LEU A 208 2.14 -20.21 -6.31
N TYR A 209 2.91 -20.35 -5.24
CA TYR A 209 2.40 -21.05 -4.07
C TYR A 209 1.19 -20.33 -3.49
N ALA A 210 1.25 -19.00 -3.39
CA ALA A 210 0.12 -18.24 -2.89
C ALA A 210 -1.09 -18.34 -3.81
N ALA A 211 -0.87 -18.70 -5.08
CA ALA A 211 -1.98 -18.97 -5.98
C ALA A 211 -2.70 -20.27 -5.58
N LEU A 212 -1.95 -21.37 -5.45
CA LEU A 212 -2.52 -22.64 -5.00
C LEU A 212 -3.30 -22.48 -3.70
N ILE A 213 -2.68 -21.88 -2.69
CA ILE A 213 -3.33 -21.65 -1.41
C ILE A 213 -4.64 -20.89 -1.57
N ASN A 214 -4.80 -20.20 -2.70
CA ASN A 214 -6.02 -19.35 -2.90
C ASN A 214 -6.92 -19.96 -3.98
N GLY A 215 -6.48 -21.02 -4.66
CA GLY A 215 -7.36 -21.68 -5.65
C GLY A 215 -6.71 -21.89 -6.99
N SER A 216 -6.05 -20.88 -7.55
CA SER A 216 -5.47 -20.98 -8.92
C SER A 216 -4.62 -22.26 -9.03
N THR A 217 -4.95 -23.15 -9.98
CA THR A 217 -4.22 -24.44 -10.05
C THR A 217 -4.11 -24.93 -11.47
N TRP A 218 -4.80 -24.29 -12.40
CA TRP A 218 -4.81 -24.81 -13.80
C TRP A 218 -3.41 -24.83 -14.38
N TRP A 219 -2.59 -23.85 -14.02
CA TRP A 219 -1.26 -23.70 -14.60
C TRP A 219 -0.29 -24.79 -14.16
N LEU A 220 -0.62 -25.53 -13.10
CA LEU A 220 0.32 -26.49 -12.50
C LEU A 220 0.74 -27.55 -13.51
N SER A 221 2.05 -27.67 -13.76
CA SER A 221 2.57 -28.63 -14.76
C SER A 221 2.79 -30.02 -14.11
N SER A 222 2.68 -31.07 -14.92
CA SER A 222 2.89 -32.45 -14.40
C SER A 222 4.40 -32.73 -14.33
N SER A 223 5.18 -32.02 -15.13
CA SER A 223 6.64 -32.27 -15.19
C SER A 223 7.32 -31.78 -13.91
N ARG A 224 8.63 -31.97 -13.81
CA ARG A 224 9.37 -31.58 -12.60
C ARG A 224 10.83 -31.38 -13.01
N ILE A 225 11.39 -30.21 -12.73
CA ILE A 225 12.76 -29.93 -13.22
C ILE A 225 13.63 -29.63 -11.99
N ALA A 226 14.87 -30.09 -12.02
CA ALA A 226 15.79 -29.87 -10.87
C ALA A 226 16.31 -28.44 -10.90
N VAL A 227 16.48 -27.86 -9.71
CA VAL A 227 17.04 -26.49 -9.61
C VAL A 227 18.27 -26.40 -10.52
N ASP A 228 19.09 -27.45 -10.55
CA ASP A 228 20.30 -27.36 -11.36
C ASP A 228 19.98 -27.21 -12.84
N ARG A 229 19.05 -28.02 -13.36
CA ARG A 229 18.66 -27.88 -14.76
C ARG A 229 17.90 -26.59 -15.00
N PHE A 230 17.06 -26.17 -14.04
CA PHE A 230 16.36 -24.89 -14.17
C PHE A 230 17.34 -23.72 -14.26
N ASN A 231 18.33 -23.69 -13.36
CA ASN A 231 19.25 -22.55 -13.30
C ASN A 231 20.08 -22.41 -14.56
N GLU A 232 20.35 -23.51 -15.28
CA GLU A 232 21.03 -23.39 -16.56
C GLU A 232 20.14 -22.74 -17.60
N TRP A 233 18.82 -22.89 -17.44
CA TRP A 233 17.87 -22.27 -18.33
C TRP A 233 17.53 -20.84 -17.91
N ALA A 234 17.40 -20.60 -16.59
CA ALA A 234 16.88 -19.34 -16.08
C ALA A 234 17.66 -18.15 -16.63
N VAL A 235 19.00 -18.23 -16.59
CA VAL A 235 19.83 -17.07 -16.90
C VAL A 235 19.80 -16.66 -18.36
N HIS A 236 19.20 -17.46 -19.25
CA HIS A 236 19.02 -17.09 -20.65
C HIS A 236 17.59 -16.69 -20.96
N ASN A 237 16.68 -16.82 -20.00
CA ASN A 237 15.27 -16.50 -20.19
C ASN A 237 14.78 -15.43 -19.21
N GLY A 238 15.67 -14.49 -18.86
CA GLY A 238 15.24 -13.35 -18.04
C GLY A 238 14.68 -13.74 -16.70
N MET A 239 15.34 -14.67 -16.01
CA MET A 239 14.98 -15.06 -14.65
C MET A 239 16.26 -15.39 -13.90
N THR A 240 16.21 -15.26 -12.57
CA THR A 240 17.37 -15.55 -11.73
C THR A 240 17.42 -17.02 -11.30
N THR A 241 18.60 -17.43 -10.85
CA THR A 241 18.78 -18.75 -10.26
C THR A 241 18.01 -18.87 -8.95
N VAL A 242 17.69 -20.11 -8.59
CA VAL A 242 17.08 -20.44 -7.31
C VAL A 242 18.21 -20.88 -6.38
N VAL A 243 18.51 -20.07 -5.35
CA VAL A 243 19.61 -20.39 -4.45
C VAL A 243 19.11 -21.19 -3.23
N ASN A 244 18.20 -20.61 -2.46
CA ASN A 244 17.67 -21.29 -1.29
C ASN A 244 16.27 -21.81 -1.59
N THR A 245 16.04 -23.07 -1.22
CA THR A 245 14.75 -23.72 -1.36
C THR A 245 14.12 -24.06 -0.02
N ASP A 246 14.83 -23.79 1.08
CA ASP A 246 14.32 -24.12 2.40
C ASP A 246 13.06 -23.32 2.71
N CYS A 247 13.04 -22.06 2.29
CA CYS A 247 11.91 -21.17 2.59
C CYS A 247 10.58 -21.67 2.05
N PHE A 248 10.58 -22.66 1.15
CA PHE A 248 9.36 -23.11 0.49
C PHE A 248 8.80 -24.40 1.06
N SER A 249 9.48 -25.02 2.03
CA SER A 249 9.03 -26.31 2.55
C SER A 249 7.66 -26.19 3.21
N ILE A 250 7.40 -25.07 3.90
CA ILE A 250 6.10 -24.87 4.52
C ILE A 250 5.01 -24.70 3.46
N PHE A 251 5.36 -24.12 2.30
CA PHE A 251 4.39 -24.02 1.21
C PHE A 251 4.10 -25.39 0.59
N ALA A 252 5.16 -26.19 0.37
CA ALA A 252 4.98 -27.53 -0.16
C ALA A 252 4.12 -28.39 0.76
N ALA A 253 4.19 -28.16 2.08
CA ALA A 253 3.33 -28.84 3.04
C ALA A 253 1.86 -28.54 2.74
N LYS A 254 1.46 -27.28 2.95
CA LYS A 254 0.06 -26.84 2.86
C LYS A 254 -0.54 -27.02 1.47
N THR A 255 0.28 -27.43 0.49
CA THR A 255 -0.17 -27.51 -0.89
C THR A 255 0.09 -28.89 -1.48
N GLY A 256 1.12 -29.58 -0.99
CA GLY A 256 1.48 -30.85 -1.58
C GLY A 256 2.16 -30.74 -2.93
N VAL A 257 2.70 -29.57 -3.26
CA VAL A 257 3.44 -29.35 -4.50
C VAL A 257 4.85 -28.96 -4.13
N ASP A 258 5.83 -29.67 -4.68
CA ASP A 258 7.21 -29.30 -4.38
C ASP A 258 7.75 -28.36 -5.45
N VAL A 259 8.86 -27.70 -5.09
CA VAL A 259 9.43 -26.64 -5.91
C VAL A 259 9.74 -27.12 -7.33
N GLN A 260 10.02 -28.42 -7.50
CA GLN A 260 10.37 -28.92 -8.83
C GLN A 260 9.18 -28.91 -9.77
N ARG A 261 7.95 -29.06 -9.25
CA ARG A 261 6.77 -28.97 -10.10
C ARG A 261 6.37 -27.52 -10.38
N LEU A 262 6.76 -26.58 -9.51
CA LEU A 262 6.58 -25.17 -9.84
C LEU A 262 7.60 -24.72 -10.88
N LEU A 263 8.86 -25.13 -10.73
CA LEU A 263 9.88 -24.78 -11.72
C LEU A 263 9.53 -25.32 -13.11
N ALA A 264 8.73 -26.39 -13.18
CA ALA A 264 8.31 -26.90 -14.48
C ALA A 264 7.16 -26.06 -15.06
N SER A 265 6.22 -25.65 -14.22
CA SER A 265 5.17 -24.73 -14.67
C SER A 265 5.77 -23.42 -15.16
N ILE A 266 6.76 -22.90 -14.45
CA ILE A 266 7.40 -21.64 -14.84
C ILE A 266 7.94 -21.73 -16.25
N GLN A 267 8.53 -22.88 -16.59
CA GLN A 267 9.18 -23.00 -17.92
C GLN A 267 8.12 -22.96 -19.03
N SER A 268 6.86 -23.10 -18.65
CA SER A 268 5.76 -23.02 -19.65
C SER A 268 5.11 -21.63 -19.61
N LEU A 269 4.89 -21.10 -18.41
CA LEU A 269 4.17 -19.81 -18.26
C LEU A 269 5.01 -18.63 -18.80
N HIS A 270 6.32 -18.67 -18.65
CA HIS A 270 7.14 -17.50 -19.06
C HIS A 270 6.71 -17.07 -20.46
N ASN A 272 3.67 -18.11 -22.48
CA ASN A 272 2.26 -17.70 -22.29
C ASN A 272 2.22 -16.35 -21.58
N GLY A 274 -1.26 -15.47 -25.05
CA GLY A 274 -2.52 -15.23 -24.31
C GLY A 274 -2.73 -16.30 -23.24
N GLY A 275 -3.85 -16.23 -22.53
CA GLY A 275 -4.07 -17.20 -21.44
C GLY A 275 -4.96 -16.64 -20.35
N LYS A 276 -4.75 -17.07 -19.11
CA LYS A 276 -5.69 -16.66 -18.04
C LYS A 276 -5.12 -15.61 -17.08
N GLN A 277 -5.72 -15.53 -15.90
CA GLN A 277 -5.31 -14.52 -14.90
C GLN A 277 -4.98 -15.23 -13.59
N ILE A 278 -3.72 -15.57 -13.38
CA ILE A 278 -3.35 -16.14 -12.06
C ILE A 278 -3.47 -15.03 -11.01
N LEU A 279 -4.38 -15.18 -10.06
CA LEU A 279 -4.59 -14.15 -9.00
C LEU A 279 -4.80 -12.79 -9.66
N GLY A 280 -5.48 -12.75 -10.82
CA GLY A 280 -5.75 -11.54 -11.58
C GLY A 280 -4.49 -10.93 -12.20
N TYR A 281 -3.42 -11.72 -12.34
CA TYR A 281 -2.18 -11.32 -13.01
C TYR A 281 -2.07 -12.00 -14.37
N THR A 282 -1.53 -11.27 -15.35
CA THR A 282 -1.40 -11.78 -16.71
C THR A 282 0.00 -12.31 -17.00
N SER A 283 1.00 -11.81 -16.32
CA SER A 283 2.36 -12.33 -16.40
C SER A 283 2.82 -12.72 -14.99
N LEU A 284 3.97 -13.39 -14.93
CA LEU A 284 4.49 -13.82 -13.65
C LEU A 284 5.06 -12.63 -12.89
N THR A 285 4.63 -12.43 -11.65
CA THR A 285 5.06 -11.29 -10.86
C THR A 285 6.05 -11.73 -9.78
N ASP A 286 7.09 -10.93 -9.57
CA ASP A 286 8.06 -11.16 -8.51
C ASP A 286 8.00 -10.07 -7.44
N GLU A 287 6.82 -9.48 -7.25
CA GLU A 287 6.66 -8.42 -6.25
C GLU A 287 6.66 -8.96 -4.81
N PHE A 288 6.33 -10.22 -4.61
CA PHE A 288 6.01 -10.78 -3.30
C PHE A 288 7.12 -11.69 -2.81
N THR A 289 7.72 -11.37 -1.66
CA THR A 289 8.71 -12.28 -1.14
C THR A 289 8.03 -13.45 -0.45
N THR A 290 8.80 -14.50 -0.21
CA THR A 290 8.31 -15.60 0.61
C THR A 290 7.83 -15.12 1.97
N GLY A 291 8.55 -14.17 2.56
CA GLY A 291 8.12 -13.52 3.78
C GLY A 291 6.71 -12.97 3.69
N GLU A 292 6.53 -11.91 2.88
CA GLU A 292 5.23 -11.26 2.73
C GLU A 292 4.10 -12.27 2.55
N VAL A 293 4.34 -13.30 1.73
CA VAL A 293 3.28 -14.24 1.42
C VAL A 293 2.90 -15.03 2.66
N ILE A 294 3.88 -15.45 3.45
CA ILE A 294 3.58 -16.18 4.67
C ILE A 294 2.90 -15.27 5.70
N ARG A 295 3.33 -14.01 5.82
CA ARG A 295 2.71 -13.13 6.81
C ARG A 295 1.27 -12.75 6.47
N GLN A 296 0.87 -12.85 5.20
CA GLN A 296 -0.52 -12.62 4.80
C GLN A 296 -1.36 -13.88 4.82
N MET A 297 -0.73 -15.04 4.70
CA MET A 297 -1.45 -16.30 4.72
C MET A 297 -1.56 -16.88 6.14
N TYR A 298 -0.52 -16.73 6.97
CA TYR A 298 -0.50 -17.37 8.28
C TYR A 298 -0.11 -16.41 9.42
N GLY A 299 1.10 -15.86 9.38
CA GLY A 299 1.52 -14.87 10.35
C GLY A 299 2.52 -15.29 11.41
N VAL A 300 3.15 -16.45 11.27
CA VAL A 300 4.30 -16.80 12.11
C VAL A 300 5.55 -16.14 11.49
N ALA B 2 5.78 10.28 -12.89
CA ALA B 2 5.13 9.14 -13.53
C ALA B 2 4.92 7.94 -12.56
N GLY B 3 3.91 7.12 -12.85
CA GLY B 3 3.64 5.91 -12.10
C GLY B 3 2.26 5.97 -11.48
N LEU B 4 1.63 4.81 -11.26
CA LEU B 4 0.34 4.80 -10.55
C LEU B 4 0.34 3.63 -9.58
N ARG B 5 0.23 3.96 -8.29
CA ARG B 5 0.26 2.97 -7.23
C ARG B 5 -0.92 3.19 -6.32
N LYS B 6 -1.71 2.13 -6.06
CA LYS B 6 -2.65 2.20 -4.97
C LYS B 6 -1.89 2.45 -3.68
N MET B 7 -2.21 3.56 -3.02
CA MET B 7 -1.43 4.05 -1.90
C MET B 7 -2.29 4.12 -0.64
N ALA B 8 -1.64 4.06 0.51
CA ALA B 8 -2.30 4.41 1.76
C ALA B 8 -1.76 5.72 2.34
N GLN B 9 -2.59 6.39 3.12
CA GLN B 9 -2.12 7.54 3.87
C GLN B 9 -1.24 7.08 5.02
N PRO B 10 -0.29 7.91 5.45
CA PRO B 10 0.56 7.51 6.59
C PRO B 10 -0.28 7.15 7.80
N SER B 11 0.07 6.03 8.43
CA SER B 11 -0.78 5.43 9.46
C SER B 11 -0.47 5.90 10.89
N GLY B 12 0.53 6.77 11.08
CA GLY B 12 1.05 7.01 12.43
C GLY B 12 -0.01 7.41 13.45
N VAL B 13 -0.92 8.32 13.08
CA VAL B 13 -1.90 8.83 14.05
C VAL B 13 -2.95 7.79 14.44
N VAL B 14 -2.97 6.63 13.79
CA VAL B 14 -3.90 5.56 14.13
C VAL B 14 -3.22 4.39 14.84
N GLU B 15 -1.91 4.17 14.60
CA GLU B 15 -1.17 3.06 15.18
C GLU B 15 -1.26 3.00 16.70
N LYS B 16 -1.20 4.15 17.38
CA LYS B 16 -1.22 4.14 18.85
C LYS B 16 -2.62 3.90 19.43
N CYS B 17 -3.64 3.73 18.59
CA CYS B 17 -5.00 3.47 19.07
C CYS B 17 -5.36 1.99 19.09
N ILE B 18 -4.49 1.10 18.65
CA ILE B 18 -4.84 -0.30 18.49
C ILE B 18 -4.51 -1.04 19.77
N VAL B 19 -5.45 -1.86 20.23
CA VAL B 19 -5.26 -2.68 21.41
C VAL B 19 -5.69 -4.09 21.09
N ARG B 20 -5.28 -5.03 21.91
CA ARG B 20 -5.71 -6.40 21.81
C ARG B 20 -6.91 -6.60 22.74
N VAL B 21 -7.98 -7.19 22.23
CA VAL B 21 -9.16 -7.50 23.05
C VAL B 21 -9.31 -9.01 23.08
N CYS B 22 -9.25 -9.57 24.28
CA CYS B 22 -9.29 -11.02 24.46
C CYS B 22 -10.37 -11.36 25.46
N TYR B 23 -11.28 -12.24 25.08
CA TYR B 23 -12.31 -12.73 25.99
C TYR B 23 -12.38 -14.24 25.86
N GLY B 24 -12.03 -14.94 26.94
CA GLY B 24 -12.04 -16.40 26.89
C GLY B 24 -10.97 -16.91 25.95
N ASN B 25 -11.41 -17.68 24.96
CA ASN B 25 -10.51 -18.23 23.93
C ASN B 25 -10.55 -17.42 22.63
N MET B 26 -11.28 -16.30 22.60
CA MET B 26 -11.32 -15.40 21.47
C MET B 26 -10.30 -14.28 21.66
N ALA B 27 -9.61 -13.91 20.59
CA ALA B 27 -8.72 -12.76 20.62
C ALA B 27 -8.78 -11.99 19.31
N LEU B 28 -8.97 -10.67 19.38
CA LEU B 28 -9.03 -9.83 18.19
C LEU B 28 -8.62 -8.42 18.58
N ASN B 29 -8.69 -7.50 17.62
CA ASN B 29 -8.23 -6.14 17.81
C ASN B 29 -9.38 -5.21 18.17
N GLY B 30 -9.03 -4.07 18.75
CA GLY B 30 -10.00 -3.09 19.17
C GLY B 30 -9.38 -1.72 19.04
N LEU B 31 -10.23 -0.71 19.14
CA LEU B 31 -9.88 0.66 18.81
C LEU B 31 -10.08 1.51 20.05
N TRP B 32 -8.98 2.03 20.60
CA TRP B 32 -8.96 2.65 21.93
C TRP B 32 -8.93 4.16 21.76
N LEU B 33 -10.09 4.78 21.91
CA LEU B 33 -10.23 6.23 21.81
C LEU B 33 -10.76 6.74 23.15
N GLY B 34 -10.07 7.72 23.72
CA GLY B 34 -10.40 8.18 25.07
C GLY B 34 -10.30 7.05 26.09
N ASP B 35 -11.37 6.88 26.86
CA ASP B 35 -11.46 5.84 27.89
C ASP B 35 -12.39 4.70 27.47
N THR B 36 -12.47 4.44 26.17
CA THR B 36 -13.34 3.39 25.67
C THR B 36 -12.64 2.68 24.51
N VAL B 37 -12.91 1.38 24.40
CA VAL B 37 -12.35 0.51 23.37
C VAL B 37 -13.48 -0.07 22.53
N MET B 38 -13.46 0.19 21.22
CA MET B 38 -14.44 -0.34 20.28
C MET B 38 -13.95 -1.64 19.68
N CYS B 39 -14.78 -2.68 19.67
CA CYS B 39 -14.33 -3.92 19.05
C CYS B 39 -15.55 -4.73 18.61
N PRO B 40 -15.36 -5.68 17.68
CA PRO B 40 -16.50 -6.48 17.21
C PRO B 40 -17.07 -7.36 18.30
N ARG B 41 -18.39 -7.53 18.28
CA ARG B 41 -19.04 -8.23 19.37
C ARG B 41 -18.80 -9.75 19.36
N HIS B 42 -18.41 -10.36 18.23
CA HIS B 42 -18.28 -11.82 18.30
C HIS B 42 -17.07 -12.29 19.12
N VAL B 43 -16.34 -11.38 19.76
CA VAL B 43 -15.29 -11.81 20.66
C VAL B 43 -15.85 -12.48 21.90
N ILE B 44 -17.15 -12.32 22.17
CA ILE B 44 -17.74 -12.87 23.39
C ILE B 44 -18.55 -14.13 23.12
N ALA B 45 -18.72 -14.53 21.86
CA ALA B 45 -19.35 -15.80 21.54
C ALA B 45 -18.50 -16.97 22.02
N SER B 46 -19.16 -18.09 22.34
CA SER B 46 -18.45 -19.30 22.75
C SER B 46 -17.75 -19.96 21.57
N SER B 47 -18.48 -20.15 20.48
CA SER B 47 -17.96 -20.64 19.22
C SER B 47 -18.36 -19.65 18.13
N THR B 48 -17.52 -19.56 17.09
CA THR B 48 -17.82 -18.72 15.94
C THR B 48 -18.05 -19.53 14.67
N THR B 49 -18.32 -20.83 14.81
CA THR B 49 -18.68 -21.65 13.66
C THR B 49 -20.12 -22.15 13.68
N SER B 50 -20.84 -21.96 14.78
CA SER B 50 -22.28 -22.15 14.82
C SER B 50 -22.95 -20.82 15.11
N THR B 51 -24.20 -20.66 14.64
CA THR B 51 -24.90 -19.39 14.78
C THR B 51 -24.86 -18.94 16.23
N ILE B 52 -24.62 -17.63 16.43
CA ILE B 52 -24.41 -17.05 17.74
C ILE B 52 -25.64 -16.25 18.14
N ASP B 53 -26.10 -16.47 19.37
CA ASP B 53 -27.15 -15.66 19.98
C ASP B 53 -26.45 -14.61 20.84
N TYR B 54 -26.41 -13.37 20.34
CA TYR B 54 -25.64 -12.31 20.98
C TYR B 54 -26.30 -11.74 22.23
N ASP B 55 -27.62 -11.88 22.39
CA ASP B 55 -28.24 -11.36 23.60
C ASP B 55 -27.97 -12.28 24.78
N TYR B 56 -27.95 -13.60 24.53
CA TYR B 56 -27.47 -14.56 25.52
C TYR B 56 -26.03 -14.28 25.92
N ALA B 57 -25.12 -14.31 24.94
CA ALA B 57 -23.70 -14.12 25.20
C ALA B 57 -23.41 -12.87 26.02
N LEU B 58 -24.16 -11.80 25.78
CA LEU B 58 -23.93 -10.56 26.51
C LEU B 58 -24.41 -10.65 27.96
N SER B 59 -25.44 -11.47 28.19
CA SER B 59 -26.03 -11.59 29.55
C SER B 59 -25.13 -12.44 30.46
N VAL B 60 -24.52 -13.50 29.92
CA VAL B 60 -23.66 -14.41 30.72
C VAL B 60 -22.21 -13.92 30.72
N LEU B 61 -21.98 -12.66 30.35
CA LEU B 61 -20.60 -12.13 30.21
C LEU B 61 -20.07 -11.68 31.57
N ARG B 62 -18.79 -11.97 31.83
CA ARG B 62 -18.16 -11.52 33.09
C ARG B 62 -16.95 -10.66 32.74
N LEU B 63 -16.87 -9.46 33.29
CA LEU B 63 -15.78 -8.54 32.89
C LEU B 63 -14.42 -9.16 33.25
N HIS B 64 -14.33 -9.91 34.35
CA HIS B 64 -13.02 -10.45 34.73
C HIS B 64 -12.47 -11.40 33.67
N ASN B 65 -13.32 -11.92 32.79
CA ASN B 65 -12.91 -12.79 31.68
C ASN B 65 -12.20 -12.04 30.56
N PHE B 66 -12.18 -10.70 30.61
CA PHE B 66 -11.55 -9.88 29.56
C PHE B 66 -10.05 -9.75 29.80
N SER B 67 -9.35 -9.51 28.71
CA SER B 67 -7.93 -9.16 28.77
C SER B 67 -7.75 -8.18 27.63
N ILE B 68 -7.48 -6.92 27.96
CA ILE B 68 -7.26 -5.87 26.98
C ILE B 68 -5.88 -5.29 27.22
N SER B 69 -5.12 -5.10 26.14
CA SER B 69 -3.75 -4.63 26.27
C SER B 69 -3.37 -3.73 25.11
N SER B 70 -2.58 -2.73 25.43
CA SER B 70 -1.88 -1.87 24.48
C SER B 70 -0.40 -2.19 24.67
N GLY B 71 0.17 -2.95 23.74
CA GLY B 71 1.54 -3.44 23.94
C GLY B 71 1.53 -4.48 25.04
N ASN B 72 2.40 -4.30 26.05
CA ASN B 72 2.37 -5.13 27.25
C ASN B 72 1.80 -4.39 28.47
N VAL B 73 1.06 -3.29 28.26
CA VAL B 73 0.31 -2.61 29.31
C VAL B 73 -1.14 -3.09 29.26
N PHE B 74 -1.62 -3.67 30.36
CA PHE B 74 -2.97 -4.23 30.41
C PHE B 74 -3.92 -3.23 31.04
N LEU B 75 -5.05 -3.02 30.39
CA LEU B 75 -6.07 -2.06 30.82
C LEU B 75 -7.22 -2.80 31.49
N GLY B 76 -7.80 -2.18 32.52
CA GLY B 76 -8.91 -2.78 33.26
C GLY B 76 -10.27 -2.33 32.76
N VAL B 77 -11.23 -3.25 32.83
CA VAL B 77 -12.53 -3.10 32.17
C VAL B 77 -13.56 -2.62 33.18
N VAL B 78 -14.03 -1.37 33.00
CA VAL B 78 -15.06 -0.78 33.84
C VAL B 78 -16.42 -1.37 33.48
N GLY B 79 -16.92 -1.06 32.27
CA GLY B 79 -18.21 -1.56 31.83
C GLY B 79 -18.20 -1.94 30.36
N VAL B 80 -19.31 -2.55 29.92
CA VAL B 80 -19.43 -3.07 28.56
C VAL B 80 -20.88 -2.93 28.12
N THR B 81 -21.13 -2.11 27.10
CA THR B 81 -22.41 -2.05 26.43
C THR B 81 -22.25 -2.47 24.97
N MET B 82 -23.37 -2.84 24.34
CA MET B 82 -23.42 -3.39 22.99
C MET B 82 -24.16 -2.43 22.06
N ARG B 83 -23.56 -2.18 20.88
CA ARG B 83 -24.14 -1.29 19.87
C ARG B 83 -23.97 -1.96 18.51
N GLY B 84 -25.08 -2.39 17.91
CA GLY B 84 -25.00 -3.10 16.66
C GLY B 84 -24.08 -4.30 16.76
N ALA B 85 -23.19 -4.43 15.77
CA ALA B 85 -22.24 -5.52 15.78
C ALA B 85 -20.97 -5.23 16.61
N LEU B 86 -20.91 -4.12 17.36
CA LEU B 86 -19.75 -3.78 18.18
C LEU B 86 -20.04 -3.93 19.66
N LEU B 87 -18.98 -4.06 20.45
CA LEU B 87 -19.02 -3.81 21.88
C LEU B 87 -18.32 -2.49 22.14
N GLN B 88 -18.87 -1.72 23.06
CA GLN B 88 -18.21 -0.53 23.57
C GLN B 88 -17.76 -0.83 25.01
N ILE B 89 -16.45 -0.82 25.22
CA ILE B 89 -15.86 -1.29 26.46
C ILE B 89 -15.25 -0.09 27.18
N LYS B 90 -15.84 0.27 28.31
CA LYS B 90 -15.24 1.26 29.18
C LYS B 90 -14.00 0.67 29.85
N VAL B 91 -12.94 1.46 29.93
CA VAL B 91 -11.70 1.03 30.55
C VAL B 91 -11.27 2.08 31.56
N ASN B 92 -10.48 1.66 32.54
CA ASN B 92 -10.03 2.55 33.62
C ASN B 92 -8.80 3.37 33.27
N GLN B 93 -8.48 3.51 31.98
CA GLN B 93 -7.28 4.21 31.54
C GLN B 93 -7.61 5.00 30.28
N ASN B 94 -7.15 6.24 30.21
CA ASN B 94 -7.39 7.09 29.06
C ASN B 94 -6.19 7.08 28.12
N ASN B 95 -6.46 7.06 26.80
CA ASN B 95 -5.42 7.00 25.78
C ASN B 95 -4.93 8.41 25.51
N VAL B 96 -3.76 8.75 26.05
CA VAL B 96 -3.20 10.08 25.85
C VAL B 96 -2.89 10.33 24.38
N HIS B 97 -2.78 9.29 23.56
CA HIS B 97 -2.48 9.41 22.14
C HIS B 97 -3.72 9.47 21.25
N THR B 98 -4.90 9.66 21.82
CA THR B 98 -6.12 9.73 21.01
C THR B 98 -6.07 10.93 20.06
N PRO B 99 -6.22 10.74 18.76
CA PRO B 99 -6.19 11.89 17.84
C PRO B 99 -7.56 12.54 17.73
N LYS B 100 -7.55 13.73 17.15
CA LYS B 100 -8.80 14.37 16.76
C LYS B 100 -9.55 13.47 15.77
N TYR B 101 -10.76 13.05 16.13
CA TYR B 101 -11.41 12.02 15.34
C TYR B 101 -12.91 12.26 15.20
N THR B 102 -13.45 11.69 14.13
CA THR B 102 -14.89 11.64 13.88
C THR B 102 -15.22 10.26 13.35
N TYR B 103 -16.51 9.93 13.37
CA TYR B 103 -17.03 8.75 12.68
C TYR B 103 -17.71 9.18 11.39
N ARG B 104 -17.60 8.33 10.38
CA ARG B 104 -18.27 8.59 9.11
C ARG B 104 -18.60 7.24 8.49
N THR B 105 -19.79 7.14 7.91
CA THR B 105 -20.16 5.97 7.12
C THR B 105 -19.82 6.24 5.67
N VAL B 106 -19.13 5.31 5.02
CA VAL B 106 -18.71 5.54 3.64
C VAL B 106 -19.75 4.99 2.69
N ARG B 107 -19.87 5.65 1.58
CA ARG B 107 -20.71 5.23 0.49
C ARG B 107 -19.88 4.47 -0.53
N PRO B 108 -20.51 3.64 -1.37
CA PRO B 108 -19.78 2.97 -2.45
C PRO B 108 -18.97 3.95 -3.29
N GLY B 109 -17.83 3.46 -3.80
CA GLY B 109 -16.96 4.27 -4.61
C GLY B 109 -15.98 5.14 -3.85
N GLU B 110 -16.15 5.26 -2.53
CA GLU B 110 -15.22 6.03 -1.73
C GLU B 110 -14.01 5.19 -1.32
N SER B 111 -12.84 5.81 -1.34
CA SER B 111 -11.59 5.17 -0.96
C SER B 111 -11.29 5.42 0.51
N PHE B 112 -10.66 4.44 1.15
CA PHE B 112 -10.13 4.67 2.48
C PHE B 112 -8.94 3.73 2.74
N ASN B 113 -8.43 3.81 3.94
CA ASN B 113 -7.24 3.07 4.35
C ASN B 113 -7.62 2.02 5.36
N ILE B 114 -7.04 0.83 5.19
CA ILE B 114 -7.12 -0.23 6.18
C ILE B 114 -5.80 -0.28 6.94
N LEU B 115 -5.87 -0.23 8.26
CA LEU B 115 -4.73 -0.60 9.10
C LEU B 115 -4.95 -2.05 9.53
N ALA B 116 -4.32 -2.97 8.83
CA ALA B 116 -4.52 -4.40 9.13
C ALA B 116 -3.74 -4.75 10.38
N CYS B 117 -4.45 -5.22 11.41
CA CYS B 117 -3.90 -5.56 12.73
C CYS B 117 -4.10 -7.03 13.07
N TYR B 118 -3.16 -7.58 13.86
CA TYR B 118 -3.27 -8.91 14.44
C TYR B 118 -2.74 -8.86 15.87
N ASP B 119 -3.47 -9.51 16.79
CA ASP B 119 -3.12 -9.57 18.21
C ASP B 119 -2.86 -8.19 18.79
N GLY B 120 -3.68 -7.24 18.38
CA GLY B 120 -3.57 -5.91 18.94
C GLY B 120 -2.49 -5.03 18.36
N ALA B 121 -1.81 -5.46 17.29
CA ALA B 121 -0.77 -4.62 16.70
C ALA B 121 -0.95 -4.46 15.20
N ALA B 122 -0.79 -3.24 14.73
CA ALA B 122 -0.78 -2.99 13.30
C ALA B 122 0.35 -3.78 12.62
N ALA B 123 -0.02 -4.51 11.58
CA ALA B 123 0.95 -5.23 10.75
C ALA B 123 1.11 -4.65 9.35
N GLY B 124 0.09 -4.02 8.78
CA GLY B 124 0.17 -3.52 7.42
C GLY B 124 -0.83 -2.39 7.18
N VAL B 125 -0.51 -1.55 6.20
CA VAL B 125 -1.39 -0.46 5.81
C VAL B 125 -1.58 -0.51 4.30
N TYR B 126 -2.83 -0.34 3.85
CA TYR B 126 -3.16 -0.34 2.44
C TYR B 126 -4.52 0.32 2.22
N GLY B 127 -4.73 0.81 1.01
CA GLY B 127 -5.95 1.49 0.62
C GLY B 127 -6.91 0.57 -0.12
N VAL B 128 -8.19 0.77 0.14
CA VAL B 128 -9.27 -0.03 -0.41
C VAL B 128 -10.34 0.92 -0.93
N ASN B 129 -11.34 0.36 -1.59
CA ASN B 129 -12.45 1.16 -2.10
C ASN B 129 -13.76 0.41 -1.83
N MET B 130 -14.74 1.10 -1.25
CA MET B 130 -16.03 0.49 -1.00
C MET B 130 -16.71 0.09 -2.32
N ARG B 131 -16.97 -1.21 -2.50
CA ARG B 131 -17.69 -1.67 -3.69
C ARG B 131 -19.21 -1.48 -3.55
N SER B 132 -19.91 -1.57 -4.68
CA SER B 132 -21.39 -1.40 -4.70
C SER B 132 -22.09 -2.45 -3.80
N ASN B 133 -21.54 -3.66 -3.70
CA ASN B 133 -22.13 -4.73 -2.84
C ASN B 133 -21.71 -4.50 -1.38
N TYR B 134 -21.13 -3.35 -1.06
CA TYR B 134 -20.70 -2.99 0.32
C TYR B 134 -19.63 -3.95 0.83
N THR B 135 -18.77 -4.44 -0.06
CA THR B 135 -17.65 -5.25 0.36
C THR B 135 -16.36 -4.56 -0.08
N ILE B 136 -15.23 -5.06 0.43
CA ILE B 136 -13.92 -4.59 0.00
C ILE B 136 -13.07 -5.80 -0.33
N ARG B 137 -12.12 -5.60 -1.25
CA ARG B 137 -11.18 -6.62 -1.70
C ARG B 137 -9.90 -6.48 -0.87
N GLY B 138 -9.83 -7.14 0.27
CA GLY B 138 -8.67 -6.93 1.16
C GLY B 138 -7.86 -8.17 1.41
N SER B 139 -7.00 -8.11 2.42
CA SER B 139 -6.18 -9.27 2.83
C SER B 139 -6.33 -9.39 4.34
N PHE B 140 -7.24 -10.24 4.79
CA PHE B 140 -7.49 -10.39 6.24
C PHE B 140 -7.55 -11.87 6.55
N ILE B 141 -6.89 -12.28 7.62
CA ILE B 141 -7.03 -13.69 8.06
C ILE B 141 -7.56 -13.65 9.49
N ASN B 142 -7.78 -14.81 10.09
CA ASN B 142 -8.24 -14.93 11.51
C ASN B 142 -7.41 -14.10 12.47
N GLY B 143 -8.09 -13.30 13.30
CA GLY B 143 -7.38 -12.43 14.22
C GLY B 143 -7.41 -11.02 13.68
N ALA B 144 -7.85 -10.87 12.43
CA ALA B 144 -7.81 -9.52 11.82
C ALA B 144 -9.02 -8.67 12.19
N ALA B 145 -10.04 -9.26 12.79
CA ALA B 145 -11.26 -8.46 13.09
C ALA B 145 -10.92 -7.36 14.07
N GLY B 146 -11.57 -6.21 13.93
CA GLY B 146 -11.23 -5.05 14.76
C GLY B 146 -10.30 -4.13 14.00
N SER B 147 -9.76 -4.59 12.88
CA SER B 147 -8.86 -3.77 12.05
C SER B 147 -9.63 -2.54 11.54
N PRO B 148 -9.20 -1.31 11.83
CA PRO B 148 -9.98 -0.13 11.45
C PRO B 148 -9.66 0.37 10.06
N GLY B 149 -10.69 0.91 9.42
CA GLY B 149 -10.54 1.71 8.21
C GLY B 149 -10.73 3.17 8.55
N TYR B 150 -9.94 4.02 7.91
CA TYR B 150 -9.95 5.42 8.29
C TYR B 150 -9.60 6.28 7.09
N ASN B 151 -9.93 7.57 7.20
CA ASN B 151 -9.39 8.62 6.36
C ASN B 151 -8.92 9.77 7.23
N ILE B 152 -7.87 10.43 6.77
CA ILE B 152 -7.33 11.62 7.43
C ILE B 152 -7.71 12.85 6.60
N ASN B 153 -8.25 13.86 7.28
CA ASN B 153 -8.86 15.04 6.66
C ASN B 153 -8.42 16.29 7.41
N ASN B 154 -7.50 17.06 6.83
CA ASN B 154 -7.09 18.33 7.43
C ASN B 154 -6.69 18.16 8.88
N GLY B 155 -6.17 16.99 9.24
CA GLY B 155 -5.82 16.72 10.61
C GLY B 155 -6.88 16.02 11.46
N THR B 156 -8.04 15.69 10.90
CA THR B 156 -9.02 14.89 11.62
C THR B 156 -9.04 13.47 11.04
N VAL B 157 -9.11 12.47 11.93
CA VAL B 157 -9.17 11.07 11.56
C VAL B 157 -10.65 10.68 11.55
N GLU B 158 -11.20 10.39 10.36
CA GLU B 158 -12.55 9.85 10.27
C GLU B 158 -12.47 8.33 10.25
N PHE B 159 -13.01 7.69 11.26
CA PHE B 159 -13.06 6.25 11.29
C PHE B 159 -14.33 5.79 10.57
N CYS B 160 -14.18 4.86 9.64
CA CYS B 160 -15.35 4.44 8.91
C CYS B 160 -15.56 2.93 8.88
N TYR B 161 -14.67 2.15 9.48
CA TYR B 161 -14.75 0.72 9.22
C TYR B 161 -14.08 -0.01 10.36
N LEU B 162 -14.73 -1.06 10.84
CA LEU B 162 -14.15 -2.02 11.77
C LEU B 162 -14.36 -3.41 11.16
N HIS B 163 -13.27 -4.10 10.87
CA HIS B 163 -13.39 -5.35 10.12
C HIS B 163 -14.11 -6.39 10.95
N GLN B 164 -14.88 -7.26 10.27
CA GLN B 164 -15.75 -8.22 10.95
C GLN B 164 -15.59 -9.64 10.41
N LEU B 165 -15.75 -9.85 9.10
CA LEU B 165 -15.79 -11.20 8.58
C LEU B 165 -15.34 -11.24 7.13
N GLU B 166 -15.09 -12.46 6.66
CA GLU B 166 -14.79 -12.75 5.27
C GLU B 166 -15.89 -13.64 4.71
N LEU B 167 -16.57 -13.19 3.66
CA LEU B 167 -17.63 -14.00 3.05
C LEU B 167 -17.02 -15.21 2.37
N GLY B 168 -17.91 -16.11 1.92
CA GLY B 168 -17.44 -17.33 1.27
C GLY B 168 -16.69 -17.07 -0.01
N SER B 169 -16.97 -15.94 -0.66
CA SER B 169 -16.23 -15.53 -1.86
C SER B 169 -14.82 -15.03 -1.54
N GLY B 170 -14.54 -14.62 -0.32
CA GLY B 170 -13.27 -14.01 0.05
C GLY B 170 -13.30 -12.51 0.16
N CYS B 171 -14.42 -11.87 -0.18
CA CYS B 171 -14.59 -10.44 0.00
C CYS B 171 -14.83 -10.14 1.48
N HIS B 172 -14.53 -8.90 1.89
CA HIS B 172 -14.45 -8.57 3.30
C HIS B 172 -15.51 -7.56 3.71
N VAL B 173 -16.01 -7.71 4.93
CA VAL B 173 -17.12 -6.92 5.41
C VAL B 173 -16.79 -6.36 6.79
N GLY B 174 -17.13 -5.10 7.00
CA GLY B 174 -17.02 -4.48 8.30
C GLY B 174 -18.33 -3.82 8.69
N SER B 175 -18.32 -3.27 9.90
CA SER B 175 -19.32 -2.33 10.33
C SER B 175 -18.72 -0.94 10.33
N ASP B 176 -19.57 0.07 10.45
CA ASP B 176 -19.06 1.40 10.73
C ASP B 176 -18.93 1.51 12.25
N LEU B 177 -18.50 2.67 12.74
CA LEU B 177 -18.23 2.75 14.18
C LEU B 177 -19.49 3.03 14.99
N ASP B 178 -20.64 3.11 14.35
CA ASP B 178 -21.89 3.12 15.10
C ASP B 178 -22.44 1.72 15.33
N GLY B 179 -21.86 0.69 14.69
CA GLY B 179 -22.22 -0.71 14.87
C GLY B 179 -22.96 -1.33 13.71
N VAL B 180 -23.32 -0.55 12.70
CA VAL B 180 -24.15 -1.02 11.60
C VAL B 180 -23.26 -1.69 10.57
N MET B 181 -23.55 -2.96 10.27
CA MET B 181 -22.87 -3.66 9.19
C MET B 181 -23.02 -2.91 7.87
N TYR B 182 -21.97 -2.97 7.04
CA TYR B 182 -22.08 -2.45 5.69
C TYR B 182 -22.87 -3.44 4.83
N GLY B 183 -23.88 -2.94 4.14
CA GLY B 183 -24.65 -3.79 3.26
C GLY B 183 -25.66 -4.72 3.91
N GLY B 184 -26.00 -4.51 5.19
CA GLY B 184 -26.92 -5.43 5.86
C GLY B 184 -26.46 -6.88 5.98
N TYR B 185 -25.16 -7.15 5.99
CA TYR B 185 -24.71 -8.53 6.21
C TYR B 185 -24.75 -8.88 7.70
N GLU B 186 -24.79 -10.17 7.99
CA GLU B 186 -24.86 -10.65 9.38
C GLU B 186 -23.49 -11.13 9.88
N ASP B 187 -23.19 -10.82 11.14
CA ASP B 187 -21.99 -11.40 11.77
C ASP B 187 -22.33 -12.77 12.34
N GLN B 188 -22.70 -13.65 11.42
CA GLN B 188 -22.98 -15.06 11.66
C GLN B 188 -22.13 -15.87 10.70
N PRO B 189 -21.84 -17.12 11.01
CA PRO B 189 -21.10 -18.00 10.09
C PRO B 189 -22.03 -18.70 9.07
N THR B 190 -22.95 -17.93 8.50
CA THR B 190 -23.90 -18.45 7.53
C THR B 190 -23.36 -18.30 6.10
N LEU B 191 -23.95 -19.07 5.18
CA LEU B 191 -23.68 -18.87 3.77
C LEU B 191 -24.36 -17.58 3.32
N GLN B 192 -23.56 -16.54 3.08
CA GLN B 192 -24.05 -15.29 2.53
C GLN B 192 -23.40 -15.08 1.17
N VAL B 193 -24.20 -14.69 0.18
CA VAL B 193 -23.72 -14.44 -1.18
C VAL B 193 -23.91 -12.95 -1.47
N GLU B 194 -22.82 -12.25 -1.76
CA GLU B 194 -22.91 -10.81 -2.02
C GLU B 194 -23.47 -10.54 -3.42
N GLY B 195 -24.18 -9.42 -3.54
CA GLY B 195 -24.80 -9.06 -4.79
C GLY B 195 -23.77 -8.81 -5.89
N ALA B 196 -24.32 -8.57 -7.08
CA ALA B 196 -23.50 -8.15 -8.21
C ALA B 196 -22.75 -6.89 -7.86
N SER B 197 -21.49 -6.84 -8.27
CA SER B 197 -20.66 -5.66 -8.11
C SER B 197 -20.72 -4.85 -9.40
N SER B 198 -20.84 -3.53 -9.28
CA SER B 198 -20.74 -2.69 -10.47
C SER B 198 -19.71 -1.58 -10.27
N LEU B 199 -18.99 -1.28 -11.36
CA LEU B 199 -17.87 -0.35 -11.34
C LEU B 199 -18.36 1.09 -11.15
N PHE B 200 -17.79 1.79 -10.18
CA PHE B 200 -18.15 3.20 -9.92
C PHE B 200 -17.52 4.04 -11.03
N THR B 201 -18.33 4.44 -12.02
CA THR B 201 -17.77 4.84 -13.31
C THR B 201 -16.96 6.14 -13.20
N GLU B 202 -17.29 7.00 -12.25
CA GLU B 202 -16.49 8.21 -12.05
C GLU B 202 -15.05 7.88 -11.64
N ASN B 203 -14.84 6.80 -10.88
CA ASN B 203 -13.47 6.36 -10.58
C ASN B 203 -12.81 5.75 -11.81
N VAL B 204 -13.59 5.06 -12.65
CA VAL B 204 -13.06 4.51 -13.89
C VAL B 204 -12.60 5.62 -14.83
N LEU B 205 -13.30 6.76 -14.81
CA LEU B 205 -12.87 7.90 -15.62
C LEU B 205 -11.56 8.46 -15.08
N ALA B 206 -11.50 8.72 -13.77
CA ALA B 206 -10.26 9.17 -13.14
C ALA B 206 -9.10 8.26 -13.50
N PHE B 207 -9.35 6.95 -13.57
CA PHE B 207 -8.29 6.02 -13.90
C PHE B 207 -7.88 6.12 -15.36
N LEU B 208 -8.85 6.36 -16.27
CA LEU B 208 -8.50 6.45 -17.70
C LEU B 208 -7.71 7.72 -17.97
N TYR B 209 -8.09 8.82 -17.32
CA TYR B 209 -7.34 10.05 -17.41
C TYR B 209 -5.90 9.84 -16.92
N ALA B 210 -5.74 9.28 -15.73
CA ALA B 210 -4.40 8.93 -15.25
C ALA B 210 -3.64 8.07 -16.25
N ALA B 211 -4.33 7.21 -16.98
CA ALA B 211 -3.67 6.43 -18.03
C ALA B 211 -3.25 7.30 -19.20
N LEU B 212 -4.10 8.25 -19.60
CA LEU B 212 -3.74 9.16 -20.68
C LEU B 212 -2.55 10.04 -20.30
N ILE B 213 -2.49 10.46 -19.05
CA ILE B 213 -1.31 11.24 -18.59
C ILE B 213 -0.07 10.35 -18.70
N ASN B 214 -0.13 9.13 -18.17
CA ASN B 214 1.03 8.19 -18.21
C ASN B 214 1.39 7.90 -19.67
N GLY B 215 0.60 8.33 -20.64
CA GLY B 215 1.01 8.27 -22.06
C GLY B 215 0.33 7.04 -22.60
N SER B 216 -0.61 6.43 -21.85
CA SER B 216 -1.34 5.30 -22.41
C SER B 216 -2.55 5.83 -23.17
N THR B 217 -2.66 5.46 -24.47
CA THR B 217 -3.64 6.09 -25.34
C THR B 217 -4.13 5.18 -26.47
N TRP B 218 -3.74 3.91 -26.51
CA TRP B 218 -4.18 3.03 -27.59
C TRP B 218 -5.68 2.80 -27.54
N TRP B 219 -6.26 2.83 -26.33
CA TRP B 219 -7.66 2.50 -26.10
C TRP B 219 -8.61 3.65 -26.40
N LEU B 220 -8.10 4.88 -26.50
CA LEU B 220 -8.96 6.02 -26.79
C LEU B 220 -9.78 5.77 -28.06
N SER B 221 -11.00 6.30 -28.08
CA SER B 221 -11.88 6.15 -29.22
C SER B 221 -12.19 7.51 -29.83
N SER B 222 -12.63 7.48 -31.10
CA SER B 222 -12.91 8.70 -31.85
C SER B 222 -14.33 9.21 -31.61
N SER B 223 -15.31 8.31 -31.68
CA SER B 223 -16.70 8.66 -31.40
C SER B 223 -16.85 9.15 -29.96
N ARG B 224 -17.99 9.77 -29.67
CA ARG B 224 -18.26 10.30 -28.34
C ARG B 224 -19.75 10.19 -28.05
N ILE B 225 -20.08 9.92 -26.78
CA ILE B 225 -21.45 9.69 -26.33
C ILE B 225 -21.74 10.65 -25.18
N ALA B 226 -22.94 11.23 -25.19
CA ALA B 226 -23.34 12.13 -24.12
C ALA B 226 -23.62 11.35 -22.83
N VAL B 227 -23.52 12.09 -21.72
CA VAL B 227 -23.62 11.49 -20.38
C VAL B 227 -24.94 10.79 -20.18
N ASP B 228 -26.02 11.35 -20.72
CA ASP B 228 -27.31 10.74 -20.45
C ASP B 228 -27.50 9.46 -21.24
N ARG B 229 -26.98 9.41 -22.47
CA ARG B 229 -27.06 8.16 -23.24
C ARG B 229 -26.23 7.08 -22.57
N PHE B 230 -25.01 7.43 -22.14
CA PHE B 230 -24.17 6.48 -21.43
C PHE B 230 -24.88 5.94 -20.20
N ASN B 231 -25.57 6.80 -19.45
CA ASN B 231 -26.17 6.36 -18.19
C ASN B 231 -27.24 5.28 -18.38
N GLU B 232 -27.99 5.31 -19.48
CA GLU B 232 -28.97 4.24 -19.65
C GLU B 232 -28.39 2.97 -20.23
N TRP B 233 -27.20 3.03 -20.83
CA TRP B 233 -26.45 1.81 -21.11
C TRP B 233 -25.76 1.29 -19.86
N ALA B 234 -25.32 2.22 -19.00
CA ALA B 234 -24.48 1.86 -17.86
C ALA B 234 -25.17 0.83 -16.98
N VAL B 235 -26.42 1.14 -16.58
CA VAL B 235 -27.13 0.34 -15.58
C VAL B 235 -27.42 -1.09 -16.02
N HIS B 236 -27.25 -1.40 -17.30
CA HIS B 236 -27.44 -2.77 -17.76
C HIS B 236 -26.13 -3.48 -18.04
N ASN B 237 -25.01 -2.79 -17.85
CA ASN B 237 -23.70 -3.35 -18.16
C ASN B 237 -22.76 -3.23 -16.96
N GLY B 238 -23.33 -3.26 -15.75
CA GLY B 238 -22.52 -3.35 -14.55
C GLY B 238 -21.67 -2.13 -14.26
N MET B 239 -22.21 -0.93 -14.46
CA MET B 239 -21.51 0.33 -14.15
C MET B 239 -22.54 1.29 -13.59
N THR B 240 -22.07 2.20 -12.74
CA THR B 240 -22.95 3.20 -12.15
C THR B 240 -23.23 4.32 -13.16
N THR B 241 -24.12 5.22 -12.78
CA THR B 241 -24.40 6.39 -13.60
C THR B 241 -23.41 7.50 -13.31
N VAL B 242 -23.13 8.30 -14.33
CA VAL B 242 -22.20 9.44 -14.21
C VAL B 242 -23.01 10.67 -13.81
N VAL B 243 -22.72 11.19 -12.62
CA VAL B 243 -23.53 12.24 -12.02
C VAL B 243 -22.79 13.57 -12.13
N ASN B 244 -21.63 13.68 -11.49
CA ASN B 244 -20.90 14.96 -11.44
C ASN B 244 -19.74 14.93 -12.42
N THR B 245 -19.77 15.84 -13.41
CA THR B 245 -18.75 15.98 -14.43
C THR B 245 -17.70 17.02 -14.08
N ASP B 246 -17.96 17.81 -13.03
CA ASP B 246 -17.03 18.92 -12.70
C ASP B 246 -15.74 18.34 -12.12
N CYS B 247 -15.86 17.29 -11.31
CA CYS B 247 -14.68 16.66 -10.69
C CYS B 247 -13.53 16.60 -11.70
N PHE B 248 -13.84 16.32 -12.96
CA PHE B 248 -12.77 16.09 -13.95
C PHE B 248 -12.35 17.38 -14.61
N SER B 249 -12.92 18.53 -14.26
CA SER B 249 -12.70 19.79 -14.96
C SER B 249 -11.21 20.04 -15.25
N ILE B 250 -10.31 19.47 -14.46
CA ILE B 250 -8.85 19.77 -14.64
C ILE B 250 -8.20 18.74 -15.57
N PHE B 251 -8.58 17.46 -15.45
CA PHE B 251 -7.90 16.40 -16.25
C PHE B 251 -8.02 16.68 -17.74
N ALA B 252 -9.20 17.08 -18.21
CA ALA B 252 -9.39 17.29 -19.66
C ALA B 252 -8.38 18.34 -20.13
N ALA B 253 -8.35 19.52 -19.52
CA ALA B 253 -7.35 20.54 -19.80
C ALA B 253 -5.98 19.92 -20.02
N LYS B 254 -5.51 19.18 -19.03
CA LYS B 254 -4.13 18.65 -19.13
C LYS B 254 -4.05 17.51 -20.15
N THR B 255 -5.17 17.12 -20.77
CA THR B 255 -5.10 15.94 -21.66
C THR B 255 -5.72 16.25 -23.01
N GLY B 256 -6.63 17.21 -23.05
CA GLY B 256 -7.31 17.57 -24.30
C GLY B 256 -8.31 16.52 -24.71
N VAL B 257 -8.84 15.77 -23.76
CA VAL B 257 -9.91 14.76 -24.07
C VAL B 257 -10.99 14.90 -23.01
N ASP B 258 -12.24 15.08 -23.44
CA ASP B 258 -13.29 15.30 -22.45
C ASP B 258 -13.98 13.97 -22.11
N VAL B 259 -14.81 14.04 -21.07
CA VAL B 259 -15.49 12.86 -20.56
C VAL B 259 -16.18 12.10 -21.68
N GLN B 260 -16.97 12.82 -22.48
CA GLN B 260 -17.70 12.20 -23.59
C GLN B 260 -16.81 11.29 -24.42
N ARG B 261 -15.53 11.64 -24.56
CA ARG B 261 -14.61 10.78 -25.28
C ARG B 261 -14.26 9.54 -24.46
N LEU B 262 -14.14 9.68 -23.14
CA LEU B 262 -13.87 8.52 -22.30
C LEU B 262 -15.08 7.59 -22.22
N LEU B 263 -16.28 8.18 -22.10
CA LEU B 263 -17.50 7.37 -22.03
C LEU B 263 -17.63 6.46 -23.25
N ALA B 264 -17.39 7.01 -24.44
CA ALA B 264 -17.42 6.19 -25.65
C ALA B 264 -16.32 5.14 -25.63
N SER B 265 -15.22 5.41 -24.93
CA SER B 265 -14.13 4.45 -24.84
C SER B 265 -14.44 3.37 -23.81
N ILE B 266 -15.11 3.75 -22.72
CA ILE B 266 -15.55 2.78 -21.73
C ILE B 266 -16.45 1.76 -22.39
N GLN B 267 -17.26 2.18 -23.35
CA GLN B 267 -18.19 1.24 -23.97
C GLN B 267 -17.46 0.24 -24.86
N SER B 268 -16.25 0.54 -25.31
CA SER B 268 -15.51 -0.41 -26.15
C SER B 268 -14.75 -1.42 -25.29
N LEU B 269 -14.12 -0.94 -24.22
CA LEU B 269 -13.29 -1.81 -23.38
C LEU B 269 -14.13 -2.86 -22.68
N HIS B 270 -15.27 -2.47 -22.11
CA HIS B 270 -16.23 -3.42 -21.56
C HIS B 270 -16.54 -4.56 -22.53
N ASN B 272 -12.16 -7.06 -22.80
CA ASN B 272 -11.29 -6.25 -23.66
C ASN B 272 -10.52 -5.21 -22.84
N GLY B 274 -8.70 -6.14 -25.45
CA GLY B 274 -8.72 -7.47 -26.05
C GLY B 274 -7.34 -8.09 -25.96
N GLY B 275 -6.93 -8.39 -24.73
CA GLY B 275 -5.61 -8.91 -24.45
C GLY B 275 -4.55 -7.87 -24.12
N LYS B 276 -4.86 -6.59 -24.31
CA LYS B 276 -3.91 -5.53 -24.02
C LYS B 276 -4.15 -4.99 -22.61
N GLN B 277 -3.30 -4.05 -22.19
CA GLN B 277 -3.34 -3.56 -20.82
C GLN B 277 -3.44 -2.04 -20.79
N ILE B 278 -3.91 -1.53 -19.65
CA ILE B 278 -3.92 -0.11 -19.37
C ILE B 278 -3.23 0.07 -18.02
N LEU B 279 -2.21 0.95 -18.00
CA LEU B 279 -1.44 1.29 -16.81
C LEU B 279 -1.21 0.10 -15.89
N GLY B 280 -1.01 -1.09 -16.47
CA GLY B 280 -0.82 -2.31 -15.72
C GLY B 280 -2.06 -3.17 -15.60
N TYR B 281 -3.25 -2.58 -15.75
CA TYR B 281 -4.50 -3.31 -15.54
C TYR B 281 -4.99 -3.96 -16.84
N THR B 282 -5.70 -5.06 -16.68
CA THR B 282 -6.21 -5.84 -17.80
C THR B 282 -7.70 -5.65 -18.04
N SER B 283 -8.43 -5.17 -17.02
CA SER B 283 -9.79 -4.67 -17.15
C SER B 283 -9.89 -3.35 -16.42
N LEU B 284 -11.08 -2.74 -16.45
CA LEU B 284 -11.28 -1.42 -15.90
C LEU B 284 -11.40 -1.50 -14.38
N THR B 285 -10.64 -0.66 -13.67
CA THR B 285 -10.68 -0.62 -12.21
C THR B 285 -11.41 0.63 -11.75
N ASP B 286 -12.10 0.51 -10.62
CA ASP B 286 -12.77 1.65 -10.00
C ASP B 286 -12.18 2.01 -8.64
N GLU B 287 -10.95 1.58 -8.36
CA GLU B 287 -10.43 1.72 -7.00
C GLU B 287 -9.67 3.02 -6.76
N PHE B 288 -9.52 3.89 -7.77
CA PHE B 288 -8.88 5.20 -7.62
C PHE B 288 -9.93 6.30 -7.68
N THR B 289 -10.06 7.09 -6.61
CA THR B 289 -10.89 8.28 -6.70
C THR B 289 -10.17 9.39 -7.47
N THR B 290 -10.94 10.41 -7.85
CA THR B 290 -10.35 11.53 -8.58
C THR B 290 -9.35 12.27 -7.70
N GLY B 291 -9.72 12.51 -6.43
CA GLY B 291 -8.80 13.16 -5.51
C GLY B 291 -7.55 12.35 -5.23
N GLU B 292 -7.62 11.03 -5.38
CA GLU B 292 -6.41 10.20 -5.31
C GLU B 292 -5.54 10.41 -6.54
N VAL B 293 -6.14 10.36 -7.73
CA VAL B 293 -5.34 10.49 -8.93
C VAL B 293 -4.75 11.89 -9.02
N ILE B 294 -5.49 12.91 -8.56
CA ILE B 294 -4.98 14.28 -8.62
C ILE B 294 -3.67 14.37 -7.86
N ARG B 295 -3.59 13.72 -6.70
CA ARG B 295 -2.39 13.81 -5.86
C ARG B 295 -1.18 13.13 -6.51
N GLN B 296 -1.38 11.94 -7.08
CA GLN B 296 -0.24 11.21 -7.68
C GLN B 296 0.18 11.80 -9.01
N MET B 297 -0.67 12.60 -9.64
CA MET B 297 -0.27 13.27 -10.86
C MET B 297 0.24 14.68 -10.64
N TYR B 298 -0.26 15.39 -9.62
CA TYR B 298 0.04 16.81 -9.45
C TYR B 298 0.40 17.17 -8.02
N GLY B 299 -0.48 16.91 -7.07
CA GLY B 299 -0.14 17.00 -5.66
C GLY B 299 -0.89 18.06 -4.87
N VAL B 300 -1.55 19.01 -5.54
CA VAL B 300 -2.40 19.97 -4.84
C VAL B 300 -3.73 20.15 -5.60
N LYS C 1 -19.60 -21.66 0.42
CA LYS C 1 -18.72 -21.66 1.59
C LYS C 1 -19.32 -20.76 2.68
N LEU C 2 -19.30 -21.25 3.91
CA LEU C 2 -19.77 -20.47 5.05
C LEU C 2 -18.90 -19.23 5.28
N SER C 3 -19.52 -18.17 5.79
CA SER C 3 -18.79 -16.96 6.13
C SER C 3 -17.93 -17.19 7.37
N ASP C 4 -16.74 -16.57 7.41
CA ASP C 4 -15.77 -16.77 8.47
C ASP C 4 -15.67 -15.51 9.32
N LEU C 5 -16.14 -15.57 10.57
CA LEU C 5 -15.90 -14.48 11.50
C LEU C 5 -14.41 -14.45 11.86
N GLN C 6 -13.81 -13.27 11.80
CA GLN C 6 -12.35 -13.18 11.89
C GLN C 6 -11.89 -12.41 13.12
N LYS D 1 14.70 9.50 -23.65
CA LYS D 1 14.08 10.58 -22.88
C LYS D 1 15.03 10.94 -21.76
N LEU D 2 15.11 12.23 -21.44
CA LEU D 2 16.07 12.65 -20.42
C LEU D 2 15.58 12.22 -19.05
N SER D 3 16.53 11.97 -18.15
CA SER D 3 16.20 11.67 -16.75
C SER D 3 15.68 12.93 -16.04
N ASP D 4 14.78 12.71 -15.09
CA ASP D 4 14.09 13.75 -14.33
C ASP D 4 14.57 13.65 -12.88
N LEU D 5 15.28 14.67 -12.39
CA LEU D 5 15.94 14.57 -11.10
C LEU D 5 14.98 14.68 -9.92
N GLN D 6 13.89 15.44 -10.02
CA GLN D 6 12.82 15.30 -8.97
C GLN D 6 13.23 15.75 -7.55
#